data_5TRP
#
_entry.id   5TRP
#
_cell.length_a   60.862
_cell.length_b   124.502
_cell.length_c   146.159
_cell.angle_alpha   90.000
_cell.angle_beta   90.000
_cell.angle_gamma   90.000
#
_symmetry.space_group_name_H-M   'I 2 2 2'
#
loop_
_entity.id
_entity.type
_entity.pdbx_description
1 polymer 'DH272 Fab heavy chain'
2 polymer 'DH272 Fab light chain'
3 non-polymer 'SULFATE ION'
4 non-polymer 2-acetamido-2-deoxy-beta-D-glucopyranose
5 water water
#
loop_
_entity_poly.entity_id
_entity_poly.type
_entity_poly.pdbx_seq_one_letter_code
_entity_poly.pdbx_strand_id
1 'polypeptide(L)'
;QVQLVQSGAEVKKPGASVKVSCHASGFRFTDHYINWLRQAPGQEFEWIGWINPGNSVTHYAQKFQARVTMTRFGSTIYME
LNRLRSDDTAVYYCAREPYDFHSGLEGSLDYWGQGTLVTVSGASTKGPSVFPLAPSSKSTSGGTAALGCLVKDYFPEPVT
VSWNSGALTSGVHTFPAVLQSSGLYSLSSVVTVPSSSLGTQTYICNVNHKPSNTKVDKRVEPKSCDKHHHHHH
;
H
2 'polypeptide(L)'
;DIVMTQSPLSLPVTLGQPASISCRSSQSLVHNYGNTYLNWFQQRPGQSPRRLIYKVSGRDSGVPDRFSGGGSGTDFTLKI
SSVEAEDVGVYYCMQGTHWPRTFGQGTKLEINRTVAAPSVFIFPPSDEQLKSGTASVVCLLNNFYPREAKVQWKVDNALQ
SGNSQESVTEQDSKDSTYSLSSTLTLSKADYEKHKVYACEVTHQGLSSPVTKSFNRGEC
;
L
#
# COMPACT_ATOMS: atom_id res chain seq x y z
N GLN A 1 13.47 21.22 -1.64
CA GLN A 1 12.97 19.90 -2.02
C GLN A 1 11.45 19.89 -2.09
N VAL A 2 10.91 19.18 -3.08
CA VAL A 2 9.47 19.15 -3.30
C VAL A 2 8.75 18.17 -2.39
N GLN A 3 7.79 18.67 -1.64
CA GLN A 3 6.97 17.84 -0.76
C GLN A 3 5.49 18.21 -0.85
N LEU A 4 4.66 17.19 -1.01
CA LEU A 4 3.21 17.34 -1.02
C LEU A 4 2.63 16.50 0.12
N VAL A 5 2.46 17.12 1.29
CA VAL A 5 2.02 16.39 2.47
C VAL A 5 0.51 16.52 2.68
N GLN A 6 -0.20 15.40 2.49
CA GLN A 6 -1.65 15.39 2.60
C GLN A 6 -2.12 15.14 4.04
N SER A 7 -3.38 15.43 4.30
CA SER A 7 -3.96 15.25 5.64
C SER A 7 -4.11 13.78 5.99
N GLY A 8 -4.61 13.51 7.19
CA GLY A 8 -4.76 12.14 7.66
C GLY A 8 -5.99 11.43 7.12
N ALA A 9 -6.03 10.12 7.29
CA ALA A 9 -7.15 9.32 6.82
C ALA A 9 -8.44 9.72 7.53
N GLU A 10 -9.51 9.86 6.78
CA GLU A 10 -10.79 10.27 7.34
C GLU A 10 -11.90 9.25 7.09
N VAL A 11 -12.96 9.36 7.89
CA VAL A 11 -14.13 8.51 7.75
C VAL A 11 -15.40 9.34 7.93
N LYS A 12 -16.27 9.30 6.93
CA LYS A 12 -17.51 10.06 6.96
C LYS A 12 -18.70 9.14 6.75
N LYS A 13 -19.89 9.62 7.09
CA LYS A 13 -21.12 8.89 6.83
C LYS A 13 -21.69 9.32 5.48
N PRO A 14 -22.46 8.43 4.83
CA PRO A 14 -23.12 8.74 3.56
C PRO A 14 -23.96 10.01 3.59
N GLY A 15 -23.74 10.90 2.63
CA GLY A 15 -24.45 12.16 2.59
C GLY A 15 -23.65 13.33 3.12
N ALA A 16 -22.60 13.02 3.89
CA ALA A 16 -21.77 14.05 4.49
C ALA A 16 -20.69 14.54 3.54
N SER A 17 -19.81 15.42 4.04
CA SER A 17 -18.74 15.98 3.23
C SER A 17 -17.37 15.60 3.78
N VAL A 18 -16.38 15.56 2.89
CA VAL A 18 -15.00 15.35 3.33
C VAL A 18 -14.11 16.45 2.75
N LYS A 19 -13.22 16.99 3.58
CA LYS A 19 -12.28 18.00 3.12
C LYS A 19 -10.84 17.53 3.29
N VAL A 20 -10.13 17.40 2.19
CA VAL A 20 -8.78 16.85 2.20
C VAL A 20 -7.74 17.94 1.96
N SER A 21 -6.64 17.88 2.70
CA SER A 21 -5.61 18.91 2.61
C SER A 21 -4.37 18.42 1.86
N CYS A 22 -3.65 19.35 1.25
CA CYS A 22 -2.42 19.07 0.55
C CYS A 22 -1.47 20.25 0.74
N HIS A 23 -0.53 20.12 1.67
CA HIS A 23 0.44 21.19 1.92
C HIS A 23 1.66 21.05 1.03
N ALA A 24 1.93 22.07 0.24
CA ALA A 24 3.02 22.05 -0.73
C ALA A 24 4.25 22.81 -0.26
N SER A 25 5.43 22.30 -0.59
CA SER A 25 6.68 23.00 -0.30
C SER A 25 7.78 22.65 -1.31
N GLY A 26 8.72 23.57 -1.53
CA GLY A 26 9.82 23.33 -2.44
C GLY A 26 9.61 23.96 -3.82
N PHE A 27 8.45 24.56 -4.02
CA PHE A 27 8.13 25.19 -5.29
C PHE A 27 7.12 26.32 -5.13
N ARG A 28 6.84 27.03 -6.22
CA ARG A 28 5.87 28.11 -6.21
C ARG A 28 4.65 27.75 -7.07
N PHE A 29 3.50 28.32 -6.73
CA PHE A 29 2.26 28.06 -7.46
C PHE A 29 2.19 28.97 -8.70
N THR A 30 3.17 29.85 -8.83
CA THR A 30 3.30 30.70 -10.01
C THR A 30 3.33 29.85 -11.27
N ASP A 31 4.17 28.83 -11.24
CA ASP A 31 4.38 27.96 -12.41
C ASP A 31 4.05 26.49 -12.13
N HIS A 32 3.28 26.24 -11.08
CA HIS A 32 2.85 24.87 -10.78
C HIS A 32 1.43 24.84 -10.20
N TYR A 33 0.51 24.22 -10.94
CA TYR A 33 -0.88 24.11 -10.48
C TYR A 33 -1.09 22.76 -9.82
N ILE A 34 -2.22 22.60 -9.12
CA ILE A 34 -2.45 21.38 -8.37
C ILE A 34 -3.63 20.56 -8.88
N ASN A 35 -3.37 19.30 -9.22
CA ASN A 35 -4.40 18.35 -9.59
C ASN A 35 -4.87 17.53 -8.40
N TRP A 36 -6.14 17.14 -8.42
CA TRP A 36 -6.70 16.19 -7.48
C TRP A 36 -7.23 15.00 -8.25
N LEU A 37 -6.84 13.81 -7.79
CA LEU A 37 -7.30 12.55 -8.36
C LEU A 37 -7.65 11.61 -7.22
N ARG A 38 -8.12 10.42 -7.56
CA ARG A 38 -8.40 9.40 -6.56
C ARG A 38 -8.21 8.02 -7.14
N GLN A 39 -8.11 7.02 -6.26
CA GLN A 39 -7.93 5.65 -6.69
C GLN A 39 -8.66 4.69 -5.74
N ALA A 40 -9.71 4.06 -6.26
CA ALA A 40 -10.31 2.92 -5.59
C ALA A 40 -9.32 1.78 -5.73
N PRO A 41 -9.25 0.88 -4.74
CA PRO A 41 -8.24 -0.18 -4.74
C PRO A 41 -8.28 -1.06 -6.00
N GLY A 42 -9.42 -1.68 -6.26
CA GLY A 42 -9.56 -2.53 -7.43
C GLY A 42 -9.56 -1.77 -8.74
N GLN A 43 -9.87 -0.48 -8.68
CA GLN A 43 -9.98 0.35 -9.88
C GLN A 43 -8.67 1.01 -10.29
N GLU A 44 -8.73 1.78 -11.37
CA GLU A 44 -7.61 2.61 -11.80
C GLU A 44 -7.80 4.02 -11.24
N PHE A 45 -6.97 4.95 -11.69
CA PHE A 45 -7.11 6.34 -11.26
C PHE A 45 -8.28 7.04 -11.94
N GLU A 46 -8.98 7.87 -11.18
CA GLU A 46 -9.97 8.77 -11.75
C GLU A 46 -9.48 10.20 -11.50
N TRP A 47 -9.52 11.01 -12.55
CA TRP A 47 -9.08 12.39 -12.45
C TRP A 47 -10.23 13.27 -11.96
N ILE A 48 -10.00 14.00 -10.87
CA ILE A 48 -11.05 14.83 -10.27
C ILE A 48 -11.02 16.25 -10.82
N GLY A 49 -9.85 16.89 -10.80
CA GLY A 49 -9.77 18.21 -11.39
C GLY A 49 -8.48 18.96 -11.10
N TRP A 50 -8.40 20.22 -11.52
CA TRP A 50 -7.23 21.03 -11.18
C TRP A 50 -7.60 22.42 -10.67
N ILE A 51 -6.69 22.99 -9.89
CA ILE A 51 -6.80 24.37 -9.42
C ILE A 51 -5.49 25.13 -9.62
N ASN A 52 -5.65 26.38 -10.04
CA ASN A 52 -4.58 27.36 -10.05
C ASN A 52 -4.53 27.96 -8.65
N PRO A 53 -3.48 27.60 -7.89
CA PRO A 53 -3.40 28.04 -6.48
C PRO A 53 -3.06 29.52 -6.33
N GLY A 54 -3.07 30.26 -7.42
CA GLY A 54 -2.89 31.70 -7.38
C GLY A 54 -4.23 32.41 -7.24
N ASN A 55 -5.02 32.37 -8.31
CA ASN A 55 -6.33 33.03 -8.35
C ASN A 55 -7.48 32.11 -7.91
N SER A 56 -7.14 30.88 -7.54
CA SER A 56 -8.14 29.88 -7.17
C SER A 56 -9.17 29.62 -8.27
N VAL A 57 -8.71 29.66 -9.52
CA VAL A 57 -9.55 29.28 -10.65
C VAL A 57 -9.51 27.77 -10.82
N THR A 58 -10.69 27.16 -10.88
CA THR A 58 -10.80 25.70 -10.89
C THR A 58 -11.25 25.13 -12.22
N HIS A 59 -11.07 23.82 -12.37
CA HIS A 59 -11.58 23.08 -13.52
C HIS A 59 -11.88 21.65 -13.07
N TYR A 60 -13.17 21.31 -13.05
CA TYR A 60 -13.61 20.01 -12.56
C TYR A 60 -14.06 19.10 -13.72
N ALA A 61 -13.77 17.81 -13.59
CA ALA A 61 -14.36 16.83 -14.49
C ALA A 61 -15.86 16.78 -14.21
N GLN A 62 -16.64 16.51 -15.26
CA GLN A 62 -18.09 16.53 -15.14
C GLN A 62 -18.65 15.52 -14.14
N LYS A 63 -17.89 14.47 -13.85
CA LYS A 63 -18.33 13.45 -12.90
C LYS A 63 -18.43 14.00 -11.47
N PHE A 64 -17.60 15.00 -11.17
CA PHE A 64 -17.53 15.56 -9.82
C PHE A 64 -18.00 17.02 -9.78
N GLN A 65 -18.23 17.59 -10.96
CA GLN A 65 -18.61 19.00 -11.12
C GLN A 65 -19.63 19.50 -10.10
N ALA A 66 -20.65 18.69 -9.84
CA ALA A 66 -21.78 19.11 -9.01
C ALA A 66 -21.46 19.14 -7.51
N ARG A 67 -20.53 18.30 -7.06
CA ARG A 67 -20.29 18.14 -5.64
C ARG A 67 -18.82 18.19 -5.20
N VAL A 68 -17.98 18.91 -5.96
CA VAL A 68 -16.58 19.07 -5.58
C VAL A 68 -16.17 20.55 -5.53
N THR A 69 -15.29 20.89 -4.60
CA THR A 69 -14.86 22.28 -4.40
C THR A 69 -13.38 22.33 -4.00
N MET A 70 -12.56 22.85 -4.90
CA MET A 70 -11.14 23.00 -4.60
C MET A 70 -10.83 24.43 -4.18
N THR A 71 -10.06 24.56 -3.11
CA THR A 71 -9.74 25.88 -2.57
C THR A 71 -8.27 25.93 -2.19
N ARG A 72 -7.81 27.09 -1.71
CA ARG A 72 -6.43 27.22 -1.26
C ARG A 72 -6.27 28.30 -0.20
N PHE A 73 -5.38 28.04 0.74
CA PHE A 73 -4.97 29.04 1.73
C PHE A 73 -3.48 28.89 2.01
N GLY A 74 -2.73 29.97 1.83
CA GLY A 74 -1.30 29.93 1.98
C GLY A 74 -0.66 28.98 0.97
N SER A 75 -0.02 27.94 1.48
CA SER A 75 0.56 26.90 0.64
C SER A 75 -0.19 25.58 0.81
N THR A 76 -1.43 25.64 1.26
CA THR A 76 -2.24 24.44 1.43
C THR A 76 -3.44 24.46 0.48
N ILE A 77 -3.65 23.35 -0.23
CA ILE A 77 -4.77 23.26 -1.16
C ILE A 77 -5.79 22.26 -0.61
N TYR A 78 -7.06 22.63 -0.67
CA TYR A 78 -8.12 21.78 -0.12
C TYR A 78 -9.03 21.25 -1.21
N MET A 79 -9.51 20.02 -1.01
CA MET A 79 -10.47 19.43 -1.93
C MET A 79 -11.64 18.90 -1.12
N GLU A 80 -12.80 19.52 -1.32
CA GLU A 80 -14.01 19.14 -0.59
C GLU A 80 -14.96 18.36 -1.49
N LEU A 81 -15.33 17.16 -1.05
CA LEU A 81 -16.29 16.34 -1.78
C LEU A 81 -17.56 16.20 -0.95
N ASN A 82 -18.67 16.67 -1.49
CA ASN A 82 -19.95 16.68 -0.79
C ASN A 82 -20.86 15.53 -1.20
N ARG A 83 -21.97 15.37 -0.50
CA ARG A 83 -22.91 14.29 -0.79
C ARG A 83 -22.12 13.01 -1.05
N LEU A 84 -21.45 12.50 -0.02
CA LEU A 84 -20.65 11.30 -0.19
C LEU A 84 -21.50 10.05 -0.32
N ARG A 85 -21.02 9.11 -1.13
CA ARG A 85 -21.69 7.83 -1.31
C ARG A 85 -20.71 6.67 -1.10
N SER A 86 -21.23 5.45 -1.09
CA SER A 86 -20.42 4.27 -0.76
C SER A 86 -19.22 4.05 -1.70
N ASP A 87 -19.41 4.33 -2.99
CA ASP A 87 -18.34 4.13 -3.96
C ASP A 87 -17.38 5.33 -4.04
N ASP A 88 -17.46 6.22 -3.06
CA ASP A 88 -16.52 7.33 -2.95
C ASP A 88 -15.35 6.94 -2.04
N THR A 89 -15.43 5.74 -1.46
CA THR A 89 -14.34 5.21 -0.66
C THR A 89 -13.14 4.90 -1.55
N ALA A 90 -12.09 5.69 -1.40
CA ALA A 90 -10.88 5.53 -2.20
C ALA A 90 -9.72 6.30 -1.58
N VAL A 91 -8.51 6.11 -2.12
CA VAL A 91 -7.36 6.88 -1.68
C VAL A 91 -7.23 8.13 -2.56
N TYR A 92 -7.38 9.30 -1.96
CA TYR A 92 -7.33 10.56 -2.68
C TYR A 92 -5.92 11.13 -2.75
N TYR A 93 -5.51 11.53 -3.96
CA TYR A 93 -4.18 12.05 -4.21
C TYR A 93 -4.21 13.50 -4.72
N CYS A 94 -3.20 14.28 -4.32
CA CYS A 94 -2.92 15.55 -4.96
C CYS A 94 -1.64 15.38 -5.77
N ALA A 95 -1.51 16.11 -6.86
CA ALA A 95 -0.37 15.97 -7.75
C ALA A 95 0.02 17.32 -8.36
N ARG A 96 1.31 17.51 -8.61
CA ARG A 96 1.78 18.78 -9.17
C ARG A 96 1.80 18.74 -10.70
N GLU A 97 1.36 19.83 -11.32
CA GLU A 97 1.41 19.94 -12.77
C GLU A 97 2.02 21.28 -13.16
N PRO A 98 3.26 21.25 -13.71
CA PRO A 98 3.97 22.46 -14.14
C PRO A 98 3.14 23.29 -15.11
N TYR A 99 3.38 24.60 -15.11
CA TYR A 99 2.65 25.52 -15.97
C TYR A 99 3.62 26.41 -16.74
N ASP A 100 3.41 26.51 -18.05
CA ASP A 100 4.20 27.41 -18.88
C ASP A 100 3.31 28.59 -19.27
N PHE A 101 3.84 29.81 -19.22
CA PHE A 101 3.04 31.00 -19.50
C PHE A 101 2.68 31.10 -20.98
N HIS A 102 3.30 30.25 -21.78
CA HIS A 102 2.96 30.06 -23.18
C HIS A 102 2.72 28.55 -23.31
N SER A 103 1.62 28.18 -23.96
CA SER A 103 1.18 26.78 -24.09
C SER A 103 0.52 26.21 -22.82
N GLY A 104 0.61 26.94 -21.72
CA GLY A 104 -0.12 26.61 -20.51
C GLY A 104 0.30 25.36 -19.78
N LEU A 105 -0.71 24.62 -19.31
CA LEU A 105 -0.52 23.40 -18.55
C LEU A 105 0.15 22.30 -19.37
N GLU A 106 1.31 21.85 -18.91
CA GLU A 106 1.95 20.67 -19.50
C GLU A 106 1.15 19.44 -19.10
N GLY A 107 0.88 18.57 -20.07
CA GLY A 107 0.04 17.40 -19.84
C GLY A 107 0.73 16.29 -19.09
N SER A 108 1.17 16.59 -17.86
CA SER A 108 1.91 15.62 -17.06
C SER A 108 1.79 15.90 -15.57
N LEU A 109 2.06 14.87 -14.77
CA LEU A 109 2.14 15.00 -13.32
C LEU A 109 3.52 14.55 -12.88
N ASP A 110 4.23 15.38 -12.12
CA ASP A 110 5.61 15.08 -11.75
C ASP A 110 5.75 14.63 -10.29
N TYR A 111 5.05 15.29 -9.39
CA TYR A 111 5.08 14.92 -7.99
C TYR A 111 3.68 14.67 -7.41
N TRP A 112 3.56 13.56 -6.68
CA TRP A 112 2.30 13.19 -6.04
C TRP A 112 2.43 13.32 -4.52
N GLY A 113 1.29 13.39 -3.84
CA GLY A 113 1.27 13.31 -2.39
C GLY A 113 1.29 11.86 -1.98
N GLN A 114 1.28 11.59 -0.68
CA GLN A 114 1.26 10.21 -0.20
C GLN A 114 -0.17 9.65 -0.19
N GLY A 115 -1.14 10.53 -0.39
CA GLY A 115 -2.54 10.13 -0.46
C GLY A 115 -3.20 10.02 0.89
N THR A 116 -4.52 10.19 0.92
CA THR A 116 -5.29 9.98 2.15
C THR A 116 -6.42 8.99 1.91
N LEU A 117 -6.57 8.02 2.79
CA LEU A 117 -7.69 7.09 2.69
C LEU A 117 -8.96 7.74 3.21
N VAL A 118 -10.02 7.65 2.43
CA VAL A 118 -11.34 8.14 2.84
C VAL A 118 -12.35 7.02 2.68
N THR A 119 -12.98 6.62 3.77
CA THR A 119 -14.00 5.59 3.73
C THR A 119 -15.34 6.19 4.13
N VAL A 120 -16.40 5.81 3.42
CA VAL A 120 -17.74 6.29 3.73
C VAL A 120 -18.53 5.18 4.40
N SER A 121 -18.92 5.38 5.65
CA SER A 121 -19.62 4.37 6.41
C SER A 121 -20.53 4.97 7.48
N GLY A 122 -21.69 4.34 7.68
CA GLY A 122 -22.62 4.76 8.71
C GLY A 122 -22.21 4.19 10.07
N ALA A 123 -21.45 3.11 10.04
CA ALA A 123 -21.00 2.45 11.26
C ALA A 123 -20.11 3.37 12.10
N SER A 124 -20.22 3.23 13.42
CA SER A 124 -19.37 4.01 14.33
C SER A 124 -17.93 3.53 14.24
N THR A 125 -16.98 4.43 14.49
CA THR A 125 -15.57 4.09 14.45
C THR A 125 -15.15 3.37 15.72
N LYS A 126 -14.08 2.59 15.63
CA LYS A 126 -13.58 1.87 16.79
C LYS A 126 -12.06 1.82 16.81
N GLY A 127 -11.47 2.28 17.91
CA GLY A 127 -10.02 2.23 18.07
C GLY A 127 -9.53 0.82 18.24
N PRO A 128 -8.24 0.58 17.93
CA PRO A 128 -7.65 -0.77 18.00
C PRO A 128 -7.09 -1.13 19.37
N SER A 129 -7.09 -2.42 19.68
CA SER A 129 -6.38 -2.94 20.85
C SER A 129 -5.04 -3.47 20.36
N VAL A 130 -3.98 -3.26 21.16
CA VAL A 130 -2.64 -3.63 20.73
C VAL A 130 -2.01 -4.67 21.66
N PHE A 131 -1.79 -5.88 21.14
CA PHE A 131 -1.19 -6.94 21.94
C PHE A 131 0.21 -7.30 21.44
N PRO A 132 1.14 -7.55 22.35
CA PRO A 132 2.52 -7.87 21.97
C PRO A 132 2.66 -9.23 21.27
N LEU A 133 3.59 -9.31 20.33
CA LEU A 133 4.04 -10.57 19.77
C LEU A 133 5.47 -10.79 20.26
N ALA A 134 5.59 -11.46 21.40
CA ALA A 134 6.84 -11.58 22.13
C ALA A 134 7.84 -12.54 21.51
N PRO A 135 9.10 -12.11 21.38
CA PRO A 135 10.18 -12.96 20.87
C PRO A 135 10.49 -14.10 21.82
N SER A 136 10.41 -15.33 21.31
CA SER A 136 10.67 -16.52 22.11
C SER A 136 11.74 -17.40 21.47
N SER A 137 11.97 -18.57 22.05
CA SER A 137 12.86 -19.56 21.46
C SER A 137 12.20 -20.20 20.24
N LYS A 138 10.88 -20.00 20.14
CA LYS A 138 10.13 -20.42 18.96
C LYS A 138 10.11 -19.31 17.93
N SER A 139 10.72 -18.18 18.26
CA SER A 139 10.80 -17.04 17.36
C SER A 139 12.20 -16.85 16.80
N THR A 140 13.15 -17.65 17.28
CA THR A 140 14.53 -17.51 16.85
C THR A 140 14.88 -18.43 15.68
N SER A 141 15.71 -17.93 14.78
CA SER A 141 16.13 -18.68 13.60
C SER A 141 17.65 -18.77 13.55
N GLY A 142 18.25 -18.22 12.50
CA GLY A 142 19.70 -18.22 12.36
C GLY A 142 20.38 -17.17 13.22
N GLY A 143 20.09 -17.19 14.51
CA GLY A 143 20.61 -16.19 15.42
C GLY A 143 19.81 -14.90 15.34
N THR A 144 18.70 -14.95 14.61
CA THR A 144 17.81 -13.81 14.46
C THR A 144 16.49 -14.08 15.19
N ALA A 145 15.94 -13.05 15.82
CA ALA A 145 14.67 -13.18 16.53
C ALA A 145 13.59 -12.34 15.85
N ALA A 146 12.35 -12.80 15.89
CA ALA A 146 11.25 -12.06 15.31
C ALA A 146 10.28 -11.62 16.40
N LEU A 147 9.95 -10.33 16.43
CA LEU A 147 8.97 -9.83 17.38
C LEU A 147 7.96 -8.96 16.66
N GLY A 148 6.89 -8.57 17.34
CA GLY A 148 5.89 -7.74 16.68
C GLY A 148 4.76 -7.19 17.51
N CYS A 149 3.76 -6.65 16.81
CA CYS A 149 2.55 -6.13 17.43
C CYS A 149 1.33 -6.58 16.66
N LEU A 150 0.31 -7.03 17.40
CA LEU A 150 -0.97 -7.40 16.83
C LEU A 150 -1.98 -6.30 17.11
N VAL A 151 -2.44 -5.67 16.04
CA VAL A 151 -3.43 -4.61 16.11
C VAL A 151 -4.80 -5.18 15.76
N LYS A 152 -5.68 -5.26 16.76
CA LYS A 152 -6.96 -5.96 16.61
C LYS A 152 -8.18 -5.06 16.81
N ASP A 153 -9.29 -5.48 16.21
CA ASP A 153 -10.61 -4.92 16.50
C ASP A 153 -10.73 -3.41 16.31
N TYR A 154 -10.39 -2.93 15.12
CA TYR A 154 -10.55 -1.52 14.82
C TYR A 154 -11.42 -1.30 13.60
N PHE A 155 -11.96 -0.10 13.48
CA PHE A 155 -12.75 0.29 12.32
C PHE A 155 -12.80 1.81 12.22
N PRO A 156 -12.62 2.35 11.01
CA PRO A 156 -12.28 1.53 9.84
C PRO A 156 -10.78 1.52 9.59
N GLU A 157 -10.39 1.14 8.38
CA GLU A 157 -9.00 1.27 7.95
C GLU A 157 -8.68 2.74 7.77
N PRO A 158 -7.39 3.11 7.83
CA PRO A 158 -6.26 2.23 8.10
C PRO A 158 -5.67 2.46 9.48
N VAL A 159 -4.70 1.62 9.82
CA VAL A 159 -3.88 1.83 11.00
C VAL A 159 -2.43 1.91 10.54
N THR A 160 -1.74 2.98 10.91
CA THR A 160 -0.32 3.11 10.59
C THR A 160 0.51 2.62 11.78
N VAL A 161 1.57 1.89 11.50
CA VAL A 161 2.43 1.36 12.55
C VAL A 161 3.89 1.66 12.27
N SER A 162 4.56 2.35 13.19
CA SER A 162 6.00 2.54 13.10
C SER A 162 6.66 1.79 14.24
N TRP A 163 7.98 1.70 14.21
CA TRP A 163 8.72 1.04 15.27
C TRP A 163 9.80 1.95 15.84
N ASN A 164 9.83 2.06 17.17
CA ASN A 164 10.78 2.92 17.86
C ASN A 164 10.80 4.34 17.31
N SER A 165 9.61 4.90 17.08
CA SER A 165 9.44 6.26 16.60
C SER A 165 10.19 6.54 15.29
N GLY A 166 10.17 5.56 14.39
CA GLY A 166 10.80 5.73 13.09
C GLY A 166 12.29 5.47 13.09
N ALA A 167 12.82 4.92 14.17
CA ALA A 167 14.23 4.60 14.28
C ALA A 167 14.51 3.18 13.77
N LEU A 168 13.43 2.44 13.54
CA LEU A 168 13.52 1.08 13.04
C LEU A 168 12.59 0.90 11.84
N THR A 169 13.17 0.59 10.69
CA THR A 169 12.39 0.37 9.47
C THR A 169 12.86 -0.91 8.76
N SER A 170 14.08 -1.33 9.06
CA SER A 170 14.67 -2.53 8.47
C SER A 170 13.98 -3.80 8.97
N GLY A 171 13.73 -4.73 8.06
CA GLY A 171 13.11 -6.00 8.40
C GLY A 171 11.66 -5.92 8.84
N VAL A 172 11.08 -4.72 8.71
CA VAL A 172 9.69 -4.52 9.11
C VAL A 172 8.73 -5.01 8.04
N HIS A 173 7.76 -5.81 8.46
CA HIS A 173 6.67 -6.24 7.60
C HIS A 173 5.34 -5.92 8.27
N THR A 174 4.66 -4.89 7.80
CA THR A 174 3.31 -4.59 8.24
C THR A 174 2.33 -5.21 7.25
N PHE A 175 1.71 -6.30 7.66
CA PHE A 175 0.82 -7.07 6.79
C PHE A 175 -0.48 -6.33 6.49
N PRO A 176 -1.06 -6.59 5.30
CA PRO A 176 -2.37 -6.06 4.94
C PRO A 176 -3.43 -6.48 5.97
N ALA A 177 -4.38 -5.60 6.23
CA ALA A 177 -5.41 -5.86 7.24
C ALA A 177 -6.35 -6.98 6.82
N VAL A 178 -6.95 -7.65 7.80
CA VAL A 178 -7.90 -8.73 7.53
C VAL A 178 -9.25 -8.41 8.18
N LEU A 179 -10.33 -8.64 7.45
CA LEU A 179 -11.67 -8.39 7.98
C LEU A 179 -12.18 -9.60 8.75
N GLN A 180 -12.53 -9.39 10.01
CA GLN A 180 -13.05 -10.47 10.85
C GLN A 180 -14.56 -10.60 10.67
N SER A 181 -15.14 -11.62 11.30
CA SER A 181 -16.58 -11.86 11.21
C SER A 181 -17.36 -10.79 11.97
N SER A 182 -16.67 -10.08 12.86
CA SER A 182 -17.27 -9.01 13.63
C SER A 182 -17.54 -7.78 12.76
N GLY A 183 -16.84 -7.70 11.63
CA GLY A 183 -16.93 -6.53 10.78
C GLY A 183 -15.82 -5.57 11.13
N LEU A 184 -14.86 -6.07 11.92
CA LEU A 184 -13.72 -5.27 12.35
C LEU A 184 -12.43 -5.78 11.71
N TYR A 185 -11.47 -4.88 11.53
CA TYR A 185 -10.19 -5.26 10.95
C TYR A 185 -9.20 -5.73 12.01
N SER A 186 -8.11 -6.33 11.54
CA SER A 186 -7.03 -6.78 12.39
C SER A 186 -5.81 -7.08 11.54
N LEU A 187 -4.68 -6.45 11.86
CA LEU A 187 -3.44 -6.73 11.16
C LEU A 187 -2.29 -6.96 12.13
N SER A 188 -1.20 -7.52 11.63
CA SER A 188 -0.03 -7.79 12.45
C SER A 188 1.21 -7.21 11.80
N SER A 189 2.01 -6.49 12.59
CA SER A 189 3.28 -5.96 12.11
C SER A 189 4.41 -6.69 12.81
N VAL A 190 5.42 -7.12 12.06
CA VAL A 190 6.55 -7.82 12.66
C VAL A 190 7.88 -7.25 12.20
N VAL A 191 8.94 -7.63 12.91
CA VAL A 191 10.29 -7.20 12.58
C VAL A 191 11.30 -8.25 13.06
N THR A 192 12.34 -8.44 12.27
CA THR A 192 13.43 -9.34 12.65
C THR A 192 14.62 -8.54 13.13
N VAL A 193 15.08 -8.85 14.34
CA VAL A 193 16.18 -8.14 14.98
C VAL A 193 17.24 -9.16 15.40
N PRO A 194 18.46 -8.69 15.71
CA PRO A 194 19.44 -9.62 16.25
C PRO A 194 18.97 -10.20 17.58
N SER A 195 19.13 -11.51 17.77
CA SER A 195 18.75 -12.15 19.02
C SER A 195 19.66 -11.70 20.17
N SER A 196 20.89 -11.35 19.83
CA SER A 196 21.89 -10.91 20.80
C SER A 196 21.54 -9.54 21.40
N SER A 197 20.52 -8.90 20.84
CA SER A 197 20.17 -7.53 21.22
C SER A 197 18.90 -7.46 22.06
N LEU A 198 18.30 -8.61 22.34
CA LEU A 198 17.03 -8.66 23.06
C LEU A 198 17.12 -8.16 24.51
N GLY A 199 18.35 -7.96 25.00
CA GLY A 199 18.55 -7.50 26.36
C GLY A 199 19.18 -6.13 26.47
N THR A 200 19.44 -5.48 25.33
CA THR A 200 20.09 -4.17 25.34
C THR A 200 19.23 -3.10 24.64
N GLN A 201 18.63 -3.47 23.51
CA GLN A 201 17.83 -2.55 22.73
C GLN A 201 16.36 -2.59 23.16
N THR A 202 15.66 -1.48 22.95
CA THR A 202 14.24 -1.38 23.28
C THR A 202 13.40 -1.34 22.01
N TYR A 203 12.35 -2.16 21.97
CA TYR A 203 11.49 -2.26 20.78
C TYR A 203 10.05 -1.86 21.10
N ILE A 204 9.62 -0.75 20.53
CA ILE A 204 8.29 -0.21 20.77
C ILE A 204 7.51 -0.15 19.46
N CYS A 205 6.26 -0.61 19.48
CA CYS A 205 5.39 -0.43 18.32
C CYS A 205 4.50 0.79 18.54
N ASN A 206 4.54 1.70 17.57
CA ASN A 206 3.71 2.90 17.59
C ASN A 206 2.53 2.74 16.65
N VAL A 207 1.34 2.65 17.24
CA VAL A 207 0.12 2.39 16.49
C VAL A 207 -0.75 3.65 16.45
N ASN A 208 -1.13 4.06 15.25
CA ASN A 208 -2.01 5.22 15.08
C ASN A 208 -3.20 4.92 14.18
N HIS A 209 -4.39 5.14 14.73
CA HIS A 209 -5.64 4.97 14.00
C HIS A 209 -6.39 6.30 13.98
N LYS A 210 -5.97 7.19 13.08
CA LYS A 210 -6.50 8.55 12.97
C LYS A 210 -8.03 8.72 12.85
N PRO A 211 -8.73 7.78 12.18
CA PRO A 211 -10.20 7.88 12.16
C PRO A 211 -10.83 7.91 13.55
N SER A 212 -10.16 7.36 14.55
CA SER A 212 -10.68 7.33 15.91
C SER A 212 -9.83 8.19 16.85
N ASN A 213 -8.79 8.80 16.30
CA ASN A 213 -7.80 9.51 17.10
C ASN A 213 -7.30 8.66 18.27
N THR A 214 -6.58 7.60 17.93
CA THR A 214 -6.10 6.64 18.92
C THR A 214 -4.62 6.39 18.70
N LYS A 215 -3.83 6.58 19.75
CA LYS A 215 -2.39 6.38 19.67
C LYS A 215 -1.90 5.45 20.78
N VAL A 216 -1.31 4.33 20.38
CA VAL A 216 -0.85 3.32 21.34
C VAL A 216 0.62 2.98 21.15
N ASP A 217 1.44 3.28 22.15
CA ASP A 217 2.84 2.88 22.16
C ASP A 217 2.98 1.63 23.02
N LYS A 218 3.16 0.47 22.40
CA LYS A 218 3.29 -0.77 23.16
C LYS A 218 4.74 -1.22 23.19
N ARG A 219 5.21 -1.58 24.38
CA ARG A 219 6.56 -2.09 24.54
C ARG A 219 6.59 -3.60 24.44
N VAL A 220 7.44 -4.12 23.55
CA VAL A 220 7.55 -5.56 23.37
C VAL A 220 8.82 -6.10 24.03
N GLU A 221 8.64 -6.80 25.16
CA GLU A 221 9.76 -7.40 25.88
C GLU A 221 9.81 -8.91 25.64
N PRO A 222 11.03 -9.48 25.63
CA PRO A 222 11.22 -10.92 25.44
C PRO A 222 10.80 -11.71 26.69
N ASP B 1 -14.36 9.28 -23.33
CA ASP B 1 -13.59 10.51 -23.52
C ASP B 1 -12.09 10.24 -23.46
N ILE B 2 -11.55 9.72 -24.56
CA ILE B 2 -10.17 9.23 -24.62
C ILE B 2 -9.94 8.07 -23.64
N VAL B 3 -10.16 6.86 -24.13
CA VAL B 3 -9.99 5.65 -23.33
C VAL B 3 -8.58 5.08 -23.52
N MET B 4 -7.93 4.71 -22.42
CA MET B 4 -6.58 4.15 -22.44
C MET B 4 -6.61 2.65 -22.17
N THR B 5 -5.95 1.86 -23.00
CA THR B 5 -5.89 0.42 -22.80
C THR B 5 -4.46 -0.09 -22.73
N GLN B 6 -4.17 -0.93 -21.74
CA GLN B 6 -2.83 -1.51 -21.61
C GLN B 6 -2.88 -3.01 -21.94
N SER B 7 -1.90 -3.47 -22.72
CA SER B 7 -1.99 -4.78 -23.38
C SER B 7 -1.67 -6.01 -22.48
N PRO B 8 -0.50 -6.01 -21.80
CA PRO B 8 -0.47 -7.02 -20.74
C PRO B 8 -0.94 -6.44 -19.41
N LEU B 9 -2.08 -6.93 -18.91
CA LEU B 9 -2.58 -6.48 -17.61
C LEU B 9 -1.75 -7.05 -16.47
N SER B 10 -1.14 -8.20 -16.73
CA SER B 10 -0.20 -8.81 -15.79
C SER B 10 1.03 -9.30 -16.56
N LEU B 11 2.21 -9.06 -16.00
CA LEU B 11 3.46 -9.33 -16.70
C LEU B 11 4.50 -9.97 -15.78
N PRO B 12 4.56 -11.31 -15.79
CA PRO B 12 5.57 -12.07 -15.06
C PRO B 12 6.92 -11.96 -15.77
N VAL B 13 7.90 -11.35 -15.10
CA VAL B 13 9.23 -11.18 -15.69
C VAL B 13 10.33 -11.67 -14.74
N THR B 14 11.22 -12.50 -15.25
CA THR B 14 12.40 -12.93 -14.49
C THR B 14 13.43 -11.79 -14.48
N LEU B 15 14.21 -11.71 -13.41
CA LEU B 15 15.26 -10.69 -13.28
C LEU B 15 16.20 -10.70 -14.46
N GLY B 16 16.77 -9.54 -14.78
CA GLY B 16 17.75 -9.44 -15.85
C GLY B 16 17.16 -9.62 -17.24
N GLN B 17 15.83 -9.75 -17.30
CA GLN B 17 15.14 -9.91 -18.58
C GLN B 17 14.41 -8.62 -18.96
N PRO B 18 14.22 -8.39 -20.26
CA PRO B 18 13.51 -7.18 -20.69
C PRO B 18 12.01 -7.30 -20.52
N ALA B 19 11.29 -6.19 -20.68
CA ALA B 19 9.84 -6.18 -20.61
C ALA B 19 9.28 -5.00 -21.39
N SER B 20 8.07 -5.15 -21.91
CA SER B 20 7.42 -4.07 -22.64
C SER B 20 5.91 -4.03 -22.35
N ILE B 21 5.39 -2.81 -22.22
CA ILE B 21 3.97 -2.60 -21.95
C ILE B 21 3.41 -1.67 -23.03
N SER B 22 2.23 -1.98 -23.54
CA SER B 22 1.64 -1.18 -24.60
C SER B 22 0.49 -0.32 -24.10
N CYS B 23 0.39 0.90 -24.62
CA CYS B 23 -0.72 1.78 -24.31
C CYS B 23 -1.41 2.19 -25.61
N ARG B 24 -2.73 2.10 -25.62
CA ARG B 24 -3.51 2.44 -26.82
C ARG B 24 -4.61 3.44 -26.48
N SER B 25 -4.68 4.49 -27.29
CA SER B 25 -5.65 5.57 -27.09
C SER B 25 -6.78 5.54 -28.13
N SER B 26 -7.97 5.95 -27.71
CA SER B 26 -9.11 5.99 -28.60
C SER B 26 -9.01 7.14 -29.61
N GLN B 27 -8.15 8.11 -29.29
CA GLN B 27 -7.93 9.26 -30.17
C GLN B 27 -6.44 9.53 -30.35
N SER B 28 -6.12 10.45 -31.25
CA SER B 28 -4.75 10.92 -31.41
C SER B 28 -4.40 11.84 -30.24
N LEU B 29 -3.21 11.63 -29.68
CA LEU B 29 -2.77 12.40 -28.51
C LEU B 29 -1.83 13.53 -28.90
N VAL B 30 -1.75 13.84 -30.19
CA VAL B 30 -0.93 14.95 -30.65
C VAL B 30 -1.67 16.26 -30.39
N HIS B 31 -0.93 17.28 -29.97
CA HIS B 31 -1.54 18.53 -29.55
C HIS B 31 -0.78 19.76 -30.03
N ASN B 32 -1.53 20.76 -30.51
CA ASN B 32 -0.99 22.08 -30.83
C ASN B 32 0.27 22.09 -31.70
N TYR B 33 1.42 22.22 -31.07
CA TYR B 33 2.70 22.30 -31.80
C TYR B 33 3.40 20.94 -31.89
N GLY B 34 2.60 19.90 -32.07
CA GLY B 34 3.14 18.57 -32.31
C GLY B 34 3.58 17.80 -31.09
N ASN B 35 3.22 18.28 -29.91
CA ASN B 35 3.52 17.56 -28.68
C ASN B 35 2.50 16.44 -28.43
N THR B 36 3.01 15.24 -28.18
CA THR B 36 2.17 14.10 -27.81
C THR B 36 2.33 13.85 -26.31
N TYR B 37 1.32 14.23 -25.55
CA TYR B 37 1.40 14.16 -24.09
C TYR B 37 1.07 12.78 -23.54
N LEU B 38 2.01 11.84 -23.68
CA LEU B 38 1.86 10.53 -23.05
C LEU B 38 2.87 10.34 -21.93
N ASN B 39 2.37 9.90 -20.78
CA ASN B 39 3.20 9.71 -19.60
C ASN B 39 3.22 8.28 -19.11
N TRP B 40 4.33 7.87 -18.52
CA TRP B 40 4.43 6.57 -17.86
C TRP B 40 4.81 6.76 -16.39
N PHE B 41 3.94 6.23 -15.52
CA PHE B 41 4.15 6.28 -14.08
C PHE B 41 4.41 4.89 -13.52
N GLN B 42 5.18 4.84 -12.43
CA GLN B 42 5.38 3.60 -11.69
C GLN B 42 4.80 3.73 -10.29
N GLN B 43 4.14 2.66 -9.83
CA GLN B 43 3.58 2.63 -8.49
C GLN B 43 3.98 1.34 -7.78
N ARG B 44 5.04 1.42 -6.97
CA ARG B 44 5.47 0.31 -6.16
C ARG B 44 4.47 0.11 -5.02
N PRO B 45 4.42 -1.12 -4.48
CA PRO B 45 3.55 -1.49 -3.36
C PRO B 45 3.69 -0.49 -2.22
N GLY B 46 2.58 0.13 -1.82
CA GLY B 46 2.59 1.02 -0.67
C GLY B 46 3.26 2.36 -0.87
N GLN B 47 3.30 2.85 -2.11
CA GLN B 47 3.89 4.14 -2.41
C GLN B 47 2.99 4.99 -3.31
N SER B 48 3.42 6.22 -3.54
CA SER B 48 2.75 7.11 -4.48
C SER B 48 3.29 6.83 -5.87
N PRO B 49 2.56 7.26 -6.91
CA PRO B 49 3.09 7.12 -8.27
C PRO B 49 4.36 7.94 -8.47
N ARG B 50 5.20 7.50 -9.41
CA ARG B 50 6.44 8.20 -9.73
C ARG B 50 6.56 8.28 -11.24
N ARG B 51 6.78 9.48 -11.77
CA ARG B 51 6.86 9.63 -13.21
C ARG B 51 8.15 9.06 -13.77
N LEU B 52 8.01 8.17 -14.74
CA LEU B 52 9.16 7.60 -15.42
C LEU B 52 9.34 8.28 -16.76
N ILE B 53 8.24 8.41 -17.51
CA ILE B 53 8.34 8.94 -18.87
C ILE B 53 7.39 10.11 -19.11
N TYR B 54 7.89 11.17 -19.75
CA TYR B 54 7.05 12.28 -20.16
C TYR B 54 7.17 12.52 -21.66
N LYS B 55 6.10 13.03 -22.27
CA LYS B 55 6.06 13.30 -23.70
C LYS B 55 6.56 12.13 -24.54
N VAL B 56 5.98 10.96 -24.29
CA VAL B 56 6.28 9.74 -25.05
C VAL B 56 7.69 9.17 -24.82
N SER B 57 8.72 9.99 -24.99
CA SER B 57 10.10 9.49 -24.97
C SER B 57 11.06 10.27 -24.06
N GLY B 58 10.52 11.22 -23.29
CA GLY B 58 11.33 11.97 -22.37
C GLY B 58 11.54 11.25 -21.05
N ARG B 59 12.73 11.40 -20.48
CA ARG B 59 13.05 10.72 -19.22
C ARG B 59 13.85 11.65 -18.31
N ASP B 60 13.34 11.88 -17.10
CA ASP B 60 14.01 12.76 -16.15
C ASP B 60 15.32 12.17 -15.66
N SER B 61 16.21 13.04 -15.20
CA SER B 61 17.42 12.61 -14.49
C SER B 61 16.98 12.03 -13.16
N GLY B 62 17.42 10.82 -12.87
CA GLY B 62 16.97 10.12 -11.68
C GLY B 62 16.18 8.87 -12.05
N VAL B 63 15.50 8.92 -13.20
CA VAL B 63 14.87 7.74 -13.75
C VAL B 63 15.93 6.95 -14.51
N PRO B 64 16.13 5.68 -14.14
CA PRO B 64 17.17 4.80 -14.67
C PRO B 64 17.19 4.73 -16.19
N ASP B 65 18.39 4.52 -16.76
CA ASP B 65 18.57 4.47 -18.21
C ASP B 65 17.85 3.29 -18.86
N ARG B 66 17.58 2.25 -18.07
CA ARG B 66 16.93 1.04 -18.58
C ARG B 66 15.46 1.28 -18.92
N PHE B 67 14.94 2.43 -18.50
CA PHE B 67 13.58 2.83 -18.87
C PHE B 67 13.57 3.65 -20.15
N SER B 68 12.79 3.20 -21.13
CA SER B 68 12.60 3.97 -22.36
C SER B 68 11.13 3.94 -22.76
N GLY B 69 10.74 4.90 -23.57
CA GLY B 69 9.35 4.98 -24.03
C GLY B 69 9.28 5.46 -25.47
N GLY B 70 8.43 4.83 -26.26
CA GLY B 70 8.26 5.21 -27.66
C GLY B 70 6.83 5.04 -28.13
N GLY B 71 6.64 5.12 -29.44
CA GLY B 71 5.32 5.00 -30.03
C GLY B 71 4.86 6.30 -30.65
N SER B 72 3.65 6.29 -31.22
CA SER B 72 3.13 7.46 -31.91
C SER B 72 1.61 7.43 -32.02
N GLY B 73 1.01 8.62 -32.11
CA GLY B 73 -0.42 8.77 -32.32
C GLY B 73 -1.30 8.10 -31.28
N THR B 74 -1.58 6.83 -31.50
CA THR B 74 -2.50 6.09 -30.62
C THR B 74 -1.90 4.78 -30.14
N ASP B 75 -0.59 4.61 -30.31
CA ASP B 75 0.06 3.35 -29.98
C ASP B 75 1.45 3.57 -29.41
N PHE B 76 1.60 3.33 -28.10
CA PHE B 76 2.86 3.60 -27.42
C PHE B 76 3.37 2.38 -26.67
N THR B 77 4.66 2.43 -26.30
CA THR B 77 5.29 1.31 -25.61
C THR B 77 6.30 1.80 -24.57
N LEU B 78 6.23 1.19 -23.39
CA LEU B 78 7.24 1.41 -22.35
C LEU B 78 8.11 0.17 -22.27
N LYS B 79 9.43 0.35 -22.32
CA LYS B 79 10.36 -0.77 -22.30
C LYS B 79 11.37 -0.66 -21.17
N ILE B 80 11.57 -1.79 -20.49
CA ILE B 80 12.63 -1.93 -19.49
C ILE B 80 13.64 -2.93 -20.03
N SER B 81 14.85 -2.48 -20.30
CA SER B 81 15.89 -3.31 -20.91
C SER B 81 16.25 -4.52 -20.05
N SER B 82 16.47 -4.28 -18.76
CA SER B 82 16.80 -5.35 -17.83
C SER B 82 16.07 -5.14 -16.50
N VAL B 83 15.03 -5.95 -16.28
CA VAL B 83 14.20 -5.82 -15.09
C VAL B 83 14.95 -6.06 -13.79
N GLU B 84 14.78 -5.17 -12.83
CA GLU B 84 15.41 -5.31 -11.52
C GLU B 84 14.39 -5.35 -10.38
N ALA B 85 14.87 -5.66 -9.18
CA ALA B 85 14.01 -5.88 -8.02
C ALA B 85 13.11 -4.69 -7.66
N GLU B 86 13.60 -3.47 -7.91
CA GLU B 86 12.83 -2.26 -7.58
C GLU B 86 11.80 -1.91 -8.65
N ASP B 87 11.86 -2.59 -9.79
CA ASP B 87 10.93 -2.35 -10.88
C ASP B 87 9.55 -2.95 -10.60
N VAL B 88 9.43 -3.69 -9.50
CA VAL B 88 8.16 -4.31 -9.12
C VAL B 88 7.09 -3.24 -8.85
N GLY B 89 5.84 -3.56 -9.22
CA GLY B 89 4.74 -2.64 -8.99
C GLY B 89 3.80 -2.56 -10.18
N VAL B 90 2.93 -1.55 -10.18
CA VAL B 90 1.98 -1.35 -11.27
C VAL B 90 2.34 -0.11 -12.09
N TYR B 91 2.44 -0.28 -13.40
CA TYR B 91 2.78 0.81 -14.29
C TYR B 91 1.54 1.38 -14.99
N TYR B 92 1.44 2.70 -15.05
CA TYR B 92 0.30 3.36 -15.68
C TYR B 92 0.73 4.25 -16.85
N CYS B 93 -0.16 4.40 -17.82
CA CYS B 93 0.03 5.41 -18.86
C CYS B 93 -1.04 6.49 -18.67
N MET B 94 -0.66 7.74 -18.86
CA MET B 94 -1.59 8.85 -18.67
C MET B 94 -1.47 9.89 -19.79
N GLN B 95 -2.59 10.24 -20.40
CA GLN B 95 -2.60 11.28 -21.43
C GLN B 95 -2.82 12.64 -20.80
N GLY B 96 -2.25 13.66 -21.42
CA GLY B 96 -2.40 15.03 -20.95
C GLY B 96 -2.77 15.97 -22.07
N THR B 97 -3.24 15.39 -23.17
CA THR B 97 -3.64 16.14 -24.35
C THR B 97 -4.99 16.82 -24.14
N HIS B 98 -5.93 16.09 -23.55
CA HIS B 98 -7.26 16.64 -23.30
C HIS B 98 -7.76 16.38 -21.88
N TRP B 99 -8.85 17.05 -21.52
CA TRP B 99 -9.52 16.83 -20.25
C TRP B 99 -10.82 16.06 -20.46
N PRO B 100 -11.15 15.15 -19.52
CA PRO B 100 -10.35 14.87 -18.32
C PRO B 100 -9.12 14.01 -18.60
N ARG B 101 -8.16 14.05 -17.69
CA ARG B 101 -7.01 13.16 -17.76
C ARG B 101 -7.49 11.74 -17.56
N THR B 102 -6.97 10.81 -18.36
CA THR B 102 -7.38 9.41 -18.26
C THR B 102 -6.18 8.47 -18.18
N PHE B 103 -6.33 7.39 -17.44
CA PHE B 103 -5.25 6.44 -17.21
C PHE B 103 -5.56 5.09 -17.86
N GLY B 104 -4.56 4.23 -17.92
CA GLY B 104 -4.78 2.85 -18.31
C GLY B 104 -5.25 2.07 -17.09
N GLN B 105 -5.55 0.80 -17.28
CA GLN B 105 -5.98 -0.05 -16.18
C GLN B 105 -4.79 -0.37 -15.29
N GLY B 106 -3.60 -0.25 -15.85
CA GLY B 106 -2.37 -0.53 -15.12
C GLY B 106 -1.84 -1.92 -15.43
N THR B 107 -0.53 -2.02 -15.61
CA THR B 107 0.11 -3.31 -15.80
C THR B 107 0.85 -3.73 -14.52
N LYS B 108 0.50 -4.90 -14.00
CA LYS B 108 1.11 -5.43 -12.79
C LYS B 108 2.38 -6.20 -13.16
N LEU B 109 3.53 -5.63 -12.85
CA LEU B 109 4.81 -6.29 -13.15
C LEU B 109 5.17 -7.26 -12.04
N GLU B 110 4.87 -8.53 -12.25
CA GLU B 110 5.17 -9.56 -11.25
C GLU B 110 6.57 -10.11 -11.44
N ILE B 111 7.41 -9.87 -10.44
CA ILE B 111 8.83 -10.17 -10.54
C ILE B 111 9.10 -11.62 -10.12
N ASN B 112 9.95 -12.30 -10.89
CA ASN B 112 10.28 -13.70 -10.66
C ASN B 112 11.74 -13.91 -10.35
N ARG B 113 12.01 -14.59 -9.24
CA ARG B 113 13.37 -14.85 -8.79
C ARG B 113 13.50 -16.27 -8.27
N THR B 114 14.72 -16.67 -7.89
CA THR B 114 15.00 -18.01 -7.40
C THR B 114 14.11 -18.43 -6.24
N VAL B 115 13.97 -19.74 -6.05
CA VAL B 115 13.16 -20.26 -4.95
C VAL B 115 13.75 -19.89 -3.60
N ALA B 116 12.92 -19.35 -2.71
CA ALA B 116 13.34 -18.99 -1.37
C ALA B 116 12.51 -19.71 -0.31
N ALA B 117 13.16 -20.38 0.62
CA ALA B 117 12.46 -21.04 1.71
C ALA B 117 12.03 -20.02 2.76
N PRO B 118 10.81 -20.15 3.29
CA PRO B 118 10.27 -19.22 4.28
C PRO B 118 10.88 -19.41 5.67
N SER B 119 11.04 -18.32 6.41
CA SER B 119 11.39 -18.42 7.82
C SER B 119 10.12 -18.54 8.63
N VAL B 120 9.92 -19.71 9.25
CA VAL B 120 8.66 -19.98 9.96
C VAL B 120 8.78 -19.75 11.47
N PHE B 121 7.99 -18.81 11.97
CA PHE B 121 7.97 -18.48 13.38
C PHE B 121 6.55 -18.62 13.93
N ILE B 122 6.43 -18.58 15.25
CA ILE B 122 5.12 -18.66 15.89
C ILE B 122 5.09 -17.86 17.21
N PHE B 123 3.94 -17.26 17.49
CA PHE B 123 3.75 -16.42 18.67
C PHE B 123 2.52 -16.88 19.44
N PRO B 124 2.69 -17.09 20.76
CA PRO B 124 1.60 -17.45 21.67
C PRO B 124 0.80 -16.21 22.05
N PRO B 125 -0.44 -16.40 22.52
CA PRO B 125 -1.30 -15.28 22.93
C PRO B 125 -0.63 -14.39 23.98
N SER B 126 -0.90 -13.09 23.93
CA SER B 126 -0.38 -12.15 24.91
C SER B 126 -1.07 -12.36 26.26
N ASP B 127 -0.46 -11.83 27.32
CA ASP B 127 -1.08 -11.89 28.65
C ASP B 127 -2.19 -10.85 28.77
N GLU B 128 -1.98 -9.70 28.13
CA GLU B 128 -2.97 -8.63 28.14
C GLU B 128 -4.24 -9.05 27.40
N GLN B 129 -4.07 -9.85 26.35
CA GLN B 129 -5.18 -10.29 25.52
C GLN B 129 -6.02 -11.37 26.19
N LEU B 130 -5.36 -12.26 26.92
CA LEU B 130 -6.05 -13.36 27.59
C LEU B 130 -7.02 -12.87 28.66
N LYS B 131 -6.71 -11.72 29.26
CA LYS B 131 -7.57 -11.13 30.27
C LYS B 131 -8.82 -10.50 29.65
N SER B 132 -8.86 -10.45 28.32
CA SER B 132 -9.99 -9.88 27.60
C SER B 132 -11.02 -10.93 27.21
N GLY B 133 -10.58 -12.18 27.05
CA GLY B 133 -11.49 -13.27 26.74
C GLY B 133 -11.15 -14.05 25.48
N THR B 134 -10.29 -13.48 24.64
CA THR B 134 -9.89 -14.14 23.40
C THR B 134 -8.40 -14.45 23.40
N ALA B 135 -8.01 -15.44 22.58
CA ALA B 135 -6.62 -15.83 22.45
C ALA B 135 -6.25 -15.95 20.97
N SER B 136 -5.15 -15.32 20.58
CA SER B 136 -4.72 -15.30 19.19
C SER B 136 -3.30 -15.82 19.03
N VAL B 137 -3.15 -16.94 18.32
CA VAL B 137 -1.84 -17.49 18.03
C VAL B 137 -1.44 -17.08 16.61
N VAL B 138 -0.20 -16.63 16.46
CA VAL B 138 0.24 -16.08 15.17
C VAL B 138 1.33 -16.93 14.51
N CYS B 139 1.12 -17.30 13.26
CA CYS B 139 2.14 -18.02 12.49
C CYS B 139 2.73 -17.08 11.45
N LEU B 140 4.06 -16.97 11.46
CA LEU B 140 4.76 -16.01 10.60
C LEU B 140 5.63 -16.70 9.55
N LEU B 141 5.43 -16.31 8.29
CA LEU B 141 6.25 -16.82 7.20
C LEU B 141 7.03 -15.67 6.57
N ASN B 142 8.35 -15.69 6.73
CA ASN B 142 9.17 -14.57 6.30
C ASN B 142 10.01 -14.82 5.05
N ASN B 143 9.82 -13.93 4.07
CA ASN B 143 10.69 -13.85 2.89
C ASN B 143 10.87 -15.15 2.12
N PHE B 144 9.86 -15.51 1.34
CA PHE B 144 9.90 -16.74 0.55
C PHE B 144 9.41 -16.52 -0.86
N TYR B 145 9.88 -17.37 -1.77
CA TYR B 145 9.41 -17.39 -3.14
C TYR B 145 9.38 -18.84 -3.61
N PRO B 146 8.34 -19.22 -4.37
CA PRO B 146 7.21 -18.42 -4.88
C PRO B 146 6.19 -18.02 -3.81
N ARG B 147 5.14 -17.33 -4.24
CA ARG B 147 4.11 -16.81 -3.36
C ARG B 147 3.23 -17.92 -2.77
N GLU B 148 3.19 -19.05 -3.46
CA GLU B 148 2.34 -20.16 -3.03
C GLU B 148 2.90 -20.88 -1.80
N ALA B 149 2.14 -20.83 -0.71
CA ALA B 149 2.52 -21.50 0.53
C ALA B 149 1.26 -21.96 1.28
N LYS B 150 1.33 -23.15 1.88
CA LYS B 150 0.21 -23.64 2.66
C LYS B 150 0.48 -23.59 4.16
N VAL B 151 -0.44 -22.99 4.91
CA VAL B 151 -0.36 -22.96 6.36
C VAL B 151 -1.50 -23.76 6.98
N GLN B 152 -1.16 -24.73 7.82
CA GLN B 152 -2.17 -25.56 8.47
C GLN B 152 -2.07 -25.49 9.98
N TRP B 153 -3.18 -25.19 10.64
CA TRP B 153 -3.22 -25.11 12.10
C TRP B 153 -3.52 -26.46 12.74
N LYS B 154 -2.67 -26.86 13.67
CA LYS B 154 -2.83 -28.13 14.38
C LYS B 154 -3.01 -27.92 15.86
N VAL B 155 -4.14 -28.37 16.38
CA VAL B 155 -4.40 -28.32 17.80
C VAL B 155 -4.40 -29.75 18.34
N ASP B 156 -3.32 -30.11 19.01
CA ASP B 156 -3.08 -31.48 19.45
C ASP B 156 -3.29 -32.47 18.29
N ASN B 157 -2.54 -32.26 17.22
CA ASN B 157 -2.62 -33.07 16.01
C ASN B 157 -4.03 -33.13 15.36
N ALA B 158 -4.85 -32.13 15.65
CA ALA B 158 -6.15 -32.02 15.01
C ALA B 158 -6.14 -30.86 14.00
N LEU B 159 -6.36 -31.19 12.74
CA LEU B 159 -6.36 -30.18 11.69
C LEU B 159 -7.53 -29.22 11.88
N GLN B 160 -7.23 -27.93 11.98
CA GLN B 160 -8.27 -26.92 12.17
C GLN B 160 -8.96 -26.57 10.87
N SER B 161 -10.24 -26.21 10.95
CA SER B 161 -11.08 -26.09 9.76
C SER B 161 -11.69 -24.70 9.55
N GLY B 162 -11.67 -23.84 10.57
CA GLY B 162 -12.26 -22.51 10.41
C GLY B 162 -12.17 -21.54 11.57
N ASN B 163 -10.97 -21.33 12.09
CA ASN B 163 -10.76 -20.36 13.17
C ASN B 163 -9.53 -19.50 12.95
N SER B 164 -9.15 -19.30 11.69
CA SER B 164 -7.95 -18.53 11.38
C SER B 164 -8.11 -17.57 10.21
N GLN B 165 -7.35 -16.49 10.23
CA GLN B 165 -7.28 -15.57 9.09
C GLN B 165 -5.87 -15.58 8.51
N GLU B 166 -5.74 -15.11 7.29
CA GLU B 166 -4.47 -15.15 6.58
C GLU B 166 -4.25 -13.87 5.78
N SER B 167 -2.99 -13.48 5.61
CA SER B 167 -2.67 -12.29 4.82
C SER B 167 -1.29 -12.39 4.18
N VAL B 168 -1.19 -12.01 2.91
CA VAL B 168 0.10 -12.00 2.22
C VAL B 168 0.47 -10.57 1.85
N THR B 169 1.74 -10.21 2.06
CA THR B 169 2.24 -8.91 1.66
C THR B 169 2.37 -8.84 0.15
N GLU B 170 2.70 -7.65 -0.37
CA GLU B 170 3.04 -7.54 -1.77
C GLU B 170 4.51 -7.92 -1.95
N GLN B 171 4.95 -8.07 -3.19
CA GLN B 171 6.31 -8.48 -3.47
C GLN B 171 7.33 -7.46 -2.96
N ASP B 172 8.36 -7.94 -2.28
CA ASP B 172 9.36 -7.06 -1.69
C ASP B 172 10.22 -6.35 -2.74
N SER B 173 10.54 -5.09 -2.49
CA SER B 173 11.24 -4.26 -3.46
C SER B 173 12.75 -4.47 -3.49
N LYS B 174 13.24 -5.42 -2.68
CA LYS B 174 14.68 -5.67 -2.60
C LYS B 174 15.05 -7.13 -2.89
N ASP B 175 14.29 -8.08 -2.36
CA ASP B 175 14.57 -9.50 -2.59
C ASP B 175 13.46 -10.23 -3.35
N SER B 176 12.46 -9.48 -3.82
CA SER B 176 11.37 -10.01 -4.63
C SER B 176 10.65 -11.19 -3.97
N THR B 177 10.56 -11.14 -2.64
CA THR B 177 9.95 -12.22 -1.89
C THR B 177 8.58 -11.86 -1.34
N TYR B 178 7.96 -12.81 -0.64
CA TYR B 178 6.66 -12.59 -0.02
C TYR B 178 6.72 -12.94 1.45
N SER B 179 5.78 -12.40 2.21
CA SER B 179 5.63 -12.76 3.61
C SER B 179 4.15 -13.03 3.91
N LEU B 180 3.90 -13.90 4.88
CA LEU B 180 2.53 -14.32 5.18
C LEU B 180 2.28 -14.35 6.69
N SER B 181 1.09 -13.92 7.10
CA SER B 181 0.70 -13.94 8.50
C SER B 181 -0.60 -14.72 8.67
N SER B 182 -0.61 -15.69 9.58
CA SER B 182 -1.83 -16.40 9.93
C SER B 182 -2.17 -16.14 11.38
N THR B 183 -3.45 -15.95 11.68
CA THR B 183 -3.89 -15.74 13.04
C THR B 183 -5.04 -16.66 13.41
N LEU B 184 -4.77 -17.62 14.28
CA LEU B 184 -5.80 -18.50 14.82
C LEU B 184 -6.37 -17.87 16.07
N THR B 185 -7.68 -17.63 16.08
CA THR B 185 -8.31 -16.96 17.21
C THR B 185 -9.40 -17.81 17.84
N LEU B 186 -9.32 -17.99 19.15
CA LEU B 186 -10.34 -18.74 19.88
C LEU B 186 -10.79 -17.94 21.10
N SER B 187 -11.84 -18.41 21.76
CA SER B 187 -12.21 -17.87 23.05
C SER B 187 -11.17 -18.35 24.06
N LYS B 188 -11.07 -17.66 25.19
CA LYS B 188 -10.15 -18.07 26.26
C LYS B 188 -10.53 -19.46 26.76
N ALA B 189 -11.81 -19.80 26.65
CA ALA B 189 -12.29 -21.13 26.98
C ALA B 189 -11.69 -22.20 26.07
N ASP B 190 -11.88 -22.03 24.76
CA ASP B 190 -11.41 -23.00 23.78
C ASP B 190 -9.89 -23.07 23.72
N TYR B 191 -9.24 -21.97 24.07
CA TYR B 191 -7.77 -21.93 24.15
C TYR B 191 -7.29 -22.79 25.30
N GLU B 192 -8.05 -22.81 26.39
CA GLU B 192 -7.68 -23.55 27.59
C GLU B 192 -8.24 -24.98 27.60
N LYS B 193 -8.73 -25.41 26.44
CA LYS B 193 -9.21 -26.78 26.28
C LYS B 193 -8.12 -27.67 25.67
N HIS B 194 -7.10 -27.05 25.11
CA HIS B 194 -6.05 -27.79 24.42
C HIS B 194 -4.67 -27.43 24.92
N LYS B 195 -3.65 -28.12 24.42
CA LYS B 195 -2.29 -27.95 24.92
C LYS B 195 -1.31 -27.51 23.83
N VAL B 196 -1.20 -28.31 22.78
CA VAL B 196 -0.23 -28.04 21.73
C VAL B 196 -0.82 -27.29 20.53
N TYR B 197 -0.27 -26.12 20.26
CA TYR B 197 -0.68 -25.32 19.10
C TYR B 197 0.46 -25.26 18.10
N ALA B 198 0.17 -25.66 16.87
CA ALA B 198 1.21 -25.76 15.86
C ALA B 198 0.78 -25.18 14.52
N CYS B 199 1.74 -24.66 13.76
CA CYS B 199 1.51 -24.31 12.36
C CYS B 199 2.47 -25.11 11.49
N GLU B 200 1.89 -25.91 10.60
CA GLU B 200 2.66 -26.69 9.64
C GLU B 200 2.66 -25.97 8.31
N VAL B 201 3.85 -25.77 7.75
CA VAL B 201 3.98 -24.98 6.53
C VAL B 201 4.52 -25.83 5.37
N THR B 202 3.85 -25.75 4.23
CA THR B 202 4.31 -26.45 3.03
C THR B 202 4.66 -25.45 1.93
N HIS B 203 5.89 -25.52 1.44
CA HIS B 203 6.38 -24.60 0.41
C HIS B 203 7.42 -25.31 -0.44
N GLN B 204 7.56 -24.87 -1.70
CA GLN B 204 8.44 -25.52 -2.66
C GLN B 204 9.90 -25.51 -2.24
N GLY B 205 10.29 -24.52 -1.44
CA GLY B 205 11.66 -24.40 -0.96
C GLY B 205 11.95 -25.23 0.26
N LEU B 206 10.94 -25.97 0.72
CA LEU B 206 11.12 -26.89 1.85
C LEU B 206 10.99 -28.33 1.37
N SER B 207 12.04 -29.11 1.57
CA SER B 207 12.01 -30.54 1.24
C SER B 207 10.91 -31.24 2.00
N SER B 208 10.81 -30.92 3.29
CA SER B 208 9.76 -31.46 4.15
C SER B 208 9.09 -30.32 4.93
N PRO B 209 7.76 -30.44 5.14
CA PRO B 209 6.96 -29.45 5.87
C PRO B 209 7.57 -29.03 7.22
N VAL B 210 7.69 -27.72 7.43
CA VAL B 210 8.23 -27.20 8.69
C VAL B 210 7.10 -26.92 9.66
N THR B 211 7.12 -27.60 10.80
CA THR B 211 6.07 -27.45 11.81
C THR B 211 6.59 -26.70 13.02
N LYS B 212 6.14 -25.47 13.20
CA LYS B 212 6.43 -24.73 14.43
C LYS B 212 5.35 -25.06 15.43
N SER B 213 5.67 -25.03 16.71
CA SER B 213 4.70 -25.42 17.72
C SER B 213 5.08 -24.94 19.11
N PHE B 214 4.08 -24.66 19.93
CA PHE B 214 4.28 -24.38 21.34
C PHE B 214 3.18 -25.05 22.14
N ASN B 215 3.55 -25.61 23.29
CA ASN B 215 2.58 -26.20 24.20
C ASN B 215 2.35 -25.31 25.41
N ARG B 216 1.09 -25.18 25.80
CA ARG B 216 0.73 -24.41 26.99
C ARG B 216 1.38 -25.02 28.23
N GLY B 217 2.39 -24.34 28.75
CA GLY B 217 3.13 -24.83 29.91
C GLY B 217 4.61 -24.95 29.65
#